data_1O9C
#
_entry.id   1O9C
#
_cell.length_a   109.231
_cell.length_b   109.231
_cell.length_c   135.865
_cell.angle_alpha   90.00
_cell.angle_beta   90.00
_cell.angle_gamma   120.00
#
_symmetry.space_group_name_H-M   'P 65 2 2'
#
loop_
_entity.id
_entity.type
_entity.pdbx_description
1 polymer '14-3-3-LIKE PROTEIN C'
2 non-polymer 'CITRATE ANION'
3 non-polymer 'CHLORIDE ION'
4 water water
#
_entity_poly.entity_id   1
_entity_poly.type   'polypeptide(L)'
_entity_poly.pdbx_seq_one_letter_code
;MAVAPTAREENVYMAKLAEQAERYEEMVEFMEKVSNSLGSEELTVEERNLLSVAYKNVIGARRASWRIISSIEQKEESRG
NEEHVNSIREYRSKIENELSKICDGILKLLDAKLIPSAASGDSKVFYLKMKGDYHRYLAEFKTGAERKEAAESTLTAYKA
AQDIATTELAPTHPIRLGLALNFSVFYYEILNSPDRACNLAKQAFDEAIAELDTLGEESYKDSTLIMQLLRDNLTLWTSD
MQDDGADEIKEDPKPDEAKN
;
_entity_poly.pdbx_strand_id   A
#
loop_
_chem_comp.id
_chem_comp.type
_chem_comp.name
_chem_comp.formula
CL non-polymer 'CHLORIDE ION' 'Cl -1'
FLC non-polymer 'CITRATE ANION' 'C6 H5 O7 -3'
#
# COMPACT_ATOMS: atom_id res chain seq x y z
N PRO A 5 -10.80 23.00 21.82
CA PRO A 5 -9.65 22.90 20.89
C PRO A 5 -8.73 21.76 21.33
N THR A 6 -9.27 20.55 21.35
CA THR A 6 -8.54 19.35 21.77
C THR A 6 -7.25 19.02 21.00
N ALA A 7 -6.37 18.24 21.64
CA ALA A 7 -5.11 17.85 21.03
C ALA A 7 -5.32 17.08 19.72
N ARG A 8 -6.16 16.06 19.78
CA ARG A 8 -6.47 15.25 18.60
C ARG A 8 -6.97 16.16 17.49
N GLU A 9 -7.90 17.04 17.84
CA GLU A 9 -8.44 17.96 16.87
C GLU A 9 -7.31 18.82 16.32
N GLU A 10 -6.40 19.22 17.20
CA GLU A 10 -5.26 20.04 16.84
C GLU A 10 -4.29 19.32 15.89
N ASN A 11 -4.00 18.05 16.18
CA ASN A 11 -3.09 17.29 15.34
C ASN A 11 -3.67 17.03 13.93
N VAL A 12 -4.96 16.75 13.85
CA VAL A 12 -5.59 16.49 12.57
C VAL A 12 -5.46 17.72 11.67
N TYR A 13 -5.70 18.90 12.24
CA TYR A 13 -5.60 20.13 11.47
C TYR A 13 -4.16 20.35 11.03
N MET A 14 -3.24 20.06 11.94
CA MET A 14 -1.82 20.21 11.68
C MET A 14 -1.45 19.27 10.51
N ALA A 15 -1.99 18.06 10.54
CA ALA A 15 -1.74 17.08 9.48
C ALA A 15 -2.19 17.62 8.13
N LYS A 16 -3.33 18.31 8.11
CA LYS A 16 -3.88 18.87 6.88
C LYS A 16 -3.02 20.01 6.39
N LEU A 17 -2.42 20.74 7.33
CA LEU A 17 -1.53 21.84 6.95
C LEU A 17 -0.27 21.23 6.36
N ALA A 18 0.20 20.15 6.96
CA ALA A 18 1.40 19.46 6.46
C ALA A 18 1.11 18.94 5.06
N GLU A 19 -0.12 18.47 4.84
CA GLU A 19 -0.49 17.95 3.53
C GLU A 19 -0.45 19.07 2.48
N GLN A 20 -0.99 20.24 2.84
CA GLN A 20 -0.96 21.37 1.92
C GLN A 20 0.47 21.83 1.64
N ALA A 21 1.33 21.78 2.66
CA ALA A 21 2.73 22.19 2.52
C ALA A 21 3.58 21.07 1.95
N GLU A 22 2.98 19.90 1.76
CA GLU A 22 3.67 18.75 1.21
C GLU A 22 4.85 18.28 2.05
N ARG A 23 4.70 18.39 3.37
CA ARG A 23 5.71 17.95 4.30
C ARG A 23 5.10 16.67 4.86
N TYR A 24 5.15 15.61 4.06
CA TYR A 24 4.56 14.34 4.41
C TYR A 24 5.12 13.61 5.62
N GLU A 25 6.43 13.68 5.82
CA GLU A 25 7.01 13.01 6.99
C GLU A 25 6.33 13.60 8.21
N GLU A 26 6.17 14.92 8.19
CA GLU A 26 5.50 15.59 9.30
C GLU A 26 4.02 15.22 9.37
N MET A 27 3.39 15.06 8.22
CA MET A 27 1.98 14.67 8.18
C MET A 27 1.84 13.30 8.87
N VAL A 28 2.78 12.42 8.62
CA VAL A 28 2.77 11.11 9.24
C VAL A 28 2.87 11.26 10.76
N GLU A 29 3.84 12.04 11.21
CA GLU A 29 4.04 12.26 12.64
C GLU A 29 2.78 12.74 13.35
N PHE A 30 2.05 13.65 12.72
CA PHE A 30 0.83 14.15 13.32
C PHE A 30 -0.25 13.08 13.38
N MET A 31 -0.47 12.36 12.28
CA MET A 31 -1.48 11.31 12.31
C MET A 31 -1.04 10.15 13.20
N GLU A 32 0.25 10.06 13.46
CA GLU A 32 0.79 9.00 14.32
C GLU A 32 0.31 9.28 15.74
N LYS A 33 0.35 10.55 16.13
CA LYS A 33 -0.09 10.95 17.46
C LYS A 33 -1.59 10.69 17.59
N VAL A 34 -2.36 11.15 16.61
CA VAL A 34 -3.80 10.95 16.64
C VAL A 34 -4.11 9.48 16.89
N SER A 35 -3.50 8.60 16.12
CA SER A 35 -3.70 7.16 16.26
C SER A 35 -3.38 6.66 17.66
N ASN A 36 -2.23 7.07 18.18
CA ASN A 36 -1.82 6.65 19.52
C ASN A 36 -2.62 7.32 20.63
N SER A 37 -3.41 8.35 20.30
CA SER A 37 -4.18 9.06 21.31
C SER A 37 -5.45 8.32 21.73
N LEU A 38 -6.32 7.99 20.77
CA LEU A 38 -7.53 7.28 21.12
C LEU A 38 -7.18 5.91 21.68
N GLY A 39 -8.13 5.30 22.38
CA GLY A 39 -7.89 3.99 22.93
C GLY A 39 -8.98 3.02 22.54
N SER A 40 -10.18 3.27 23.04
CA SER A 40 -11.31 2.42 22.74
C SER A 40 -11.88 2.65 21.33
N GLU A 41 -12.01 3.91 20.94
CA GLU A 41 -12.57 4.23 19.64
C GLU A 41 -11.66 4.03 18.42
N GLU A 42 -12.23 4.30 17.26
CA GLU A 42 -11.56 4.16 15.96
C GLU A 42 -11.27 5.51 15.33
N LEU A 43 -10.36 5.53 14.35
CA LEU A 43 -10.05 6.78 13.64
C LEU A 43 -11.24 7.05 12.72
N THR A 44 -11.53 8.32 12.46
CA THR A 44 -12.64 8.65 11.57
C THR A 44 -12.24 8.26 10.14
N VAL A 45 -13.17 8.32 9.20
CA VAL A 45 -12.83 7.99 7.84
C VAL A 45 -11.77 9.02 7.38
N GLU A 46 -11.98 10.28 7.72
CA GLU A 46 -11.03 11.33 7.35
C GLU A 46 -9.65 11.04 7.95
N GLU A 47 -9.60 10.78 9.25
CA GLU A 47 -8.33 10.52 9.91
C GLU A 47 -7.63 9.32 9.31
N ARG A 48 -8.38 8.24 9.13
CA ARG A 48 -7.83 7.03 8.57
C ARG A 48 -7.21 7.32 7.20
N ASN A 49 -7.85 8.17 6.40
CA ASN A 49 -7.30 8.47 5.10
C ASN A 49 -6.12 9.45 5.14
N LEU A 50 -6.15 10.40 6.07
CA LEU A 50 -5.02 11.33 6.21
C LEU A 50 -3.75 10.52 6.52
N LEU A 51 -3.86 9.56 7.43
CA LEU A 51 -2.72 8.72 7.80
C LEU A 51 -2.23 7.95 6.59
N SER A 52 -3.17 7.41 5.84
CA SER A 52 -2.86 6.63 4.66
C SER A 52 -2.21 7.46 3.55
N VAL A 53 -2.70 8.68 3.35
CA VAL A 53 -2.13 9.55 2.34
C VAL A 53 -0.72 9.94 2.80
N ALA A 54 -0.57 10.18 4.09
CA ALA A 54 0.72 10.56 4.64
C ALA A 54 1.76 9.49 4.33
N TYR A 55 1.51 8.26 4.78
CA TYR A 55 2.47 7.19 4.52
C TYR A 55 2.68 6.91 3.05
N LYS A 56 1.61 6.97 2.27
CA LYS A 56 1.73 6.71 0.85
C LYS A 56 2.74 7.66 0.19
N ASN A 57 2.68 8.93 0.56
CA ASN A 57 3.59 9.91 -0.01
C ASN A 57 4.98 9.76 0.55
N VAL A 58 5.09 9.41 1.83
CA VAL A 58 6.41 9.22 2.39
C VAL A 58 7.10 8.03 1.72
N ILE A 59 6.44 6.89 1.65
CA ILE A 59 7.05 5.72 1.02
C ILE A 59 7.11 5.87 -0.50
N GLY A 60 6.12 6.53 -1.10
CA GLY A 60 6.12 6.71 -2.54
C GLY A 60 7.39 7.38 -3.06
N ALA A 61 7.83 8.43 -2.38
CA ALA A 61 9.04 9.14 -2.80
C ALA A 61 10.24 8.18 -2.84
N ARG A 62 10.43 7.41 -1.77
CA ARG A 62 11.54 6.47 -1.71
C ARG A 62 11.40 5.37 -2.73
N ARG A 63 10.17 4.97 -3.02
CA ARG A 63 9.95 3.92 -4.00
C ARG A 63 10.36 4.43 -5.39
N ALA A 64 10.06 5.70 -5.66
CA ALA A 64 10.40 6.31 -6.95
C ALA A 64 11.91 6.46 -7.06
N SER A 65 12.56 6.90 -5.98
CA SER A 65 14.00 7.06 -6.00
C SER A 65 14.61 5.69 -6.27
N TRP A 66 14.20 4.71 -5.47
CA TRP A 66 14.69 3.33 -5.61
C TRP A 66 14.61 2.85 -7.07
N ARG A 67 13.45 2.97 -7.68
CA ARG A 67 13.28 2.53 -9.06
C ARG A 67 14.27 3.21 -9.99
N ILE A 68 14.55 4.48 -9.76
CA ILE A 68 15.49 5.22 -10.59
C ILE A 68 16.94 4.77 -10.33
N ILE A 69 17.36 4.76 -9.07
CA ILE A 69 18.72 4.31 -8.77
C ILE A 69 18.90 2.86 -9.18
N SER A 70 17.84 2.07 -9.03
CA SER A 70 17.91 0.66 -9.39
C SER A 70 18.14 0.51 -10.88
N SER A 71 17.48 1.35 -11.66
CA SER A 71 17.65 1.33 -13.11
C SER A 71 19.07 1.75 -13.51
N ILE A 72 19.61 2.77 -12.85
CA ILE A 72 20.96 3.22 -13.15
C ILE A 72 21.89 2.03 -12.91
N GLU A 73 21.71 1.39 -11.76
CA GLU A 73 22.52 0.23 -11.39
C GLU A 73 22.50 -0.85 -12.47
N GLN A 74 21.31 -1.17 -12.96
CA GLN A 74 21.16 -2.19 -14.00
C GLN A 74 21.92 -1.82 -15.28
N LYS A 75 21.80 -0.56 -15.69
CA LYS A 75 22.48 -0.10 -16.90
C LYS A 75 24.00 -0.10 -16.75
N GLU A 76 24.48 0.28 -15.57
CA GLU A 76 25.91 0.33 -15.33
C GLU A 76 26.55 -1.04 -15.12
N GLU A 77 25.83 -1.97 -14.54
CA GLU A 77 26.42 -3.29 -14.32
C GLU A 77 26.52 -4.05 -15.63
N SER A 78 25.59 -3.79 -16.54
CA SER A 78 25.60 -4.46 -17.84
C SER A 78 26.56 -3.76 -18.78
N ARG A 79 27.05 -2.60 -18.36
CA ARG A 79 28.00 -1.82 -19.15
C ARG A 79 29.40 -2.21 -18.65
N GLY A 80 29.43 -2.90 -17.51
CA GLY A 80 30.69 -3.33 -16.96
C GLY A 80 31.35 -2.41 -15.95
N ASN A 81 31.01 -1.12 -15.96
CA ASN A 81 31.62 -0.20 -15.01
C ASN A 81 31.31 -0.60 -13.58
N GLU A 82 32.29 -1.18 -12.90
CA GLU A 82 32.09 -1.65 -11.53
C GLU A 82 32.23 -0.60 -10.42
N GLU A 83 33.10 0.37 -10.60
CA GLU A 83 33.27 1.40 -9.58
C GLU A 83 31.93 2.12 -9.40
N HIS A 84 31.28 2.37 -10.53
CA HIS A 84 29.99 3.03 -10.53
C HIS A 84 28.94 2.17 -9.84
N VAL A 85 28.89 0.89 -10.20
CA VAL A 85 27.92 -0.02 -9.61
C VAL A 85 28.03 -0.07 -8.09
N ASN A 86 29.24 0.05 -7.57
CA ASN A 86 29.41 0.03 -6.13
C ASN A 86 28.77 1.25 -5.50
N SER A 87 28.99 2.42 -6.11
CA SER A 87 28.43 3.66 -5.60
C SER A 87 26.90 3.65 -5.73
N ILE A 88 26.40 3.14 -6.85
CA ILE A 88 24.96 3.06 -7.07
C ILE A 88 24.36 2.24 -5.92
N ARG A 89 24.83 0.99 -5.79
CA ARG A 89 24.31 0.10 -4.76
C ARG A 89 24.47 0.63 -3.35
N GLU A 90 25.49 1.44 -3.13
CA GLU A 90 25.67 1.99 -1.81
C GLU A 90 24.56 3.03 -1.61
N TYR A 91 24.23 3.75 -2.68
CA TYR A 91 23.18 4.74 -2.58
C TYR A 91 21.85 4.05 -2.38
N ARG A 92 21.65 2.94 -3.08
CA ARG A 92 20.42 2.18 -2.97
C ARG A 92 20.24 1.64 -1.56
N SER A 93 21.32 1.16 -0.95
CA SER A 93 21.22 0.64 0.41
C SER A 93 20.63 1.69 1.32
N LYS A 94 21.05 2.93 1.12
CA LYS A 94 20.55 4.01 1.95
C LYS A 94 19.06 4.21 1.68
N ILE A 95 18.64 4.08 0.42
CA ILE A 95 17.22 4.24 0.09
C ILE A 95 16.44 3.10 0.73
N GLU A 96 16.96 1.88 0.60
CA GLU A 96 16.31 0.69 1.16
C GLU A 96 16.19 0.80 2.68
N ASN A 97 17.13 1.49 3.30
CA ASN A 97 17.10 1.65 4.75
C ASN A 97 15.88 2.44 5.18
N GLU A 98 15.58 3.52 4.48
CA GLU A 98 14.42 4.33 4.81
C GLU A 98 13.15 3.54 4.51
N LEU A 99 13.15 2.82 3.39
CA LEU A 99 11.98 2.02 3.03
C LEU A 99 11.65 1.06 4.16
N SER A 100 12.68 0.45 4.75
CA SER A 100 12.46 -0.48 5.84
C SER A 100 11.97 0.23 7.12
N LYS A 101 12.52 1.40 7.41
CA LYS A 101 12.08 2.10 8.62
C LYS A 101 10.65 2.56 8.45
N ILE A 102 10.31 3.04 7.26
CA ILE A 102 8.96 3.52 6.98
C ILE A 102 7.93 2.39 7.10
N CYS A 103 8.15 1.29 6.39
CA CYS A 103 7.22 0.18 6.47
C CYS A 103 7.09 -0.29 7.91
N ASP A 104 8.23 -0.43 8.58
CA ASP A 104 8.23 -0.89 9.97
C ASP A 104 7.41 0.01 10.87
N GLY A 105 7.46 1.31 10.64
CA GLY A 105 6.69 2.22 11.46
C GLY A 105 5.20 2.03 11.35
N ILE A 106 4.69 1.95 10.13
CA ILE A 106 3.26 1.80 9.91
C ILE A 106 2.79 0.38 10.23
N LEU A 107 3.62 -0.62 9.97
CA LEU A 107 3.24 -2.00 10.26
C LEU A 107 3.08 -2.21 11.77
N LYS A 108 3.96 -1.59 12.56
CA LYS A 108 3.90 -1.70 14.01
C LYS A 108 2.62 -1.04 14.48
N LEU A 109 2.34 0.13 13.93
CA LEU A 109 1.15 0.87 14.30
C LEU A 109 -0.12 0.10 13.95
N LEU A 110 -0.09 -0.63 12.84
CA LEU A 110 -1.25 -1.40 12.41
C LEU A 110 -1.58 -2.51 13.42
N ASP A 111 -0.57 -3.29 13.80
CA ASP A 111 -0.78 -4.40 14.74
C ASP A 111 -1.03 -3.97 16.17
N ALA A 112 -0.52 -2.81 16.55
CA ALA A 112 -0.69 -2.35 17.92
C ALA A 112 -1.96 -1.56 18.18
N LYS A 113 -2.32 -0.66 17.27
CA LYS A 113 -3.50 0.16 17.48
C LYS A 113 -4.60 0.04 16.44
N LEU A 114 -4.25 0.24 15.18
CA LEU A 114 -5.22 0.21 14.11
C LEU A 114 -6.01 -1.09 13.92
N ILE A 115 -5.35 -2.20 13.61
CA ILE A 115 -6.08 -3.44 13.42
C ILE A 115 -6.96 -3.74 14.65
N PRO A 116 -6.39 -3.70 15.86
CA PRO A 116 -7.19 -3.97 17.07
C PRO A 116 -8.41 -3.10 17.27
N SER A 117 -8.39 -1.89 16.73
CA SER A 117 -9.52 -0.98 16.90
C SER A 117 -10.59 -1.09 15.81
N ALA A 118 -10.27 -1.81 14.73
CA ALA A 118 -11.19 -1.95 13.61
C ALA A 118 -12.52 -2.58 14.00
N ALA A 119 -13.58 -1.76 14.03
CA ALA A 119 -14.90 -2.23 14.43
C ALA A 119 -15.91 -2.47 13.32
N SER A 120 -15.52 -2.26 12.06
CA SER A 120 -16.46 -2.50 10.97
C SER A 120 -15.73 -3.15 9.82
N GLY A 121 -16.47 -3.49 8.77
CA GLY A 121 -15.87 -4.12 7.61
C GLY A 121 -15.02 -3.17 6.79
N ASP A 122 -15.40 -1.90 6.78
CA ASP A 122 -14.65 -0.89 6.05
C ASP A 122 -13.28 -0.75 6.69
N SER A 123 -13.34 -0.59 8.00
CA SER A 123 -12.17 -0.43 8.86
C SER A 123 -11.19 -1.60 8.72
N LYS A 124 -11.67 -2.81 8.98
CA LYS A 124 -10.83 -4.00 8.92
C LYS A 124 -10.16 -4.23 7.57
N VAL A 125 -10.92 -4.15 6.49
CA VAL A 125 -10.34 -4.37 5.18
C VAL A 125 -9.28 -3.31 4.85
N PHE A 126 -9.60 -2.05 5.17
CA PHE A 126 -8.69 -0.95 4.92
C PHE A 126 -7.35 -1.22 5.60
N TYR A 127 -7.39 -1.52 6.89
CA TYR A 127 -6.16 -1.77 7.65
C TYR A 127 -5.43 -3.04 7.23
N LEU A 128 -6.15 -4.10 6.88
CA LEU A 128 -5.50 -5.33 6.44
C LEU A 128 -4.90 -5.12 5.06
N LYS A 129 -5.55 -4.31 4.23
CA LYS A 129 -5.02 -4.04 2.89
C LYS A 129 -3.72 -3.27 3.05
N MET A 130 -3.75 -2.26 3.92
CA MET A 130 -2.59 -1.44 4.21
C MET A 130 -1.45 -2.35 4.70
N LYS A 131 -1.78 -3.33 5.53
CA LYS A 131 -0.76 -4.24 6.05
C LYS A 131 -0.14 -5.03 4.93
N GLY A 132 -0.95 -5.44 3.97
CA GLY A 132 -0.42 -6.19 2.85
C GLY A 132 0.41 -5.28 1.98
N ASP A 133 -0.06 -4.05 1.81
CA ASP A 133 0.64 -3.06 1.01
C ASP A 133 2.09 -2.83 1.47
N TYR A 134 2.28 -2.66 2.77
CA TYR A 134 3.62 -2.39 3.24
C TYR A 134 4.55 -3.56 3.32
N HIS A 135 4.02 -4.77 3.40
CA HIS A 135 4.87 -5.95 3.39
C HIS A 135 5.22 -6.14 1.92
N ARG A 136 4.37 -5.66 1.03
CA ARG A 136 4.62 -5.78 -0.41
C ARG A 136 5.75 -4.83 -0.83
N TYR A 137 5.83 -3.67 -0.21
CA TYR A 137 6.89 -2.73 -0.56
C TYR A 137 8.24 -3.28 -0.13
N LEU A 138 8.25 -4.04 0.97
CA LEU A 138 9.47 -4.64 1.45
C LEU A 138 9.92 -5.68 0.44
N ALA A 139 8.99 -6.49 -0.01
CA ALA A 139 9.29 -7.54 -0.98
C ALA A 139 9.81 -7.00 -2.31
N GLU A 140 9.48 -5.76 -2.65
CA GLU A 140 9.94 -5.18 -3.92
C GLU A 140 11.45 -5.12 -4.02
N PHE A 141 12.15 -4.97 -2.90
CA PHE A 141 13.61 -4.89 -2.97
C PHE A 141 14.37 -6.00 -2.24
N LYS A 142 13.69 -6.74 -1.38
CA LYS A 142 14.36 -7.81 -0.65
C LYS A 142 14.68 -8.98 -1.57
N THR A 143 15.58 -9.86 -1.15
CA THR A 143 15.96 -10.94 -2.04
C THR A 143 16.07 -12.38 -1.55
N GLY A 144 16.66 -12.58 -0.39
CA GLY A 144 16.82 -13.94 0.08
C GLY A 144 15.59 -14.53 0.73
N ALA A 145 15.76 -14.93 1.99
CA ALA A 145 14.68 -15.48 2.76
C ALA A 145 13.85 -14.29 3.21
N GLU A 146 14.46 -13.10 3.14
CA GLU A 146 13.78 -11.88 3.55
C GLU A 146 12.59 -11.64 2.63
N ARG A 147 12.83 -11.80 1.33
CA ARG A 147 11.79 -11.63 0.33
C ARG A 147 10.72 -12.66 0.54
N LYS A 148 11.14 -13.89 0.81
CA LYS A 148 10.20 -14.97 1.05
C LYS A 148 9.26 -14.59 2.19
N GLU A 149 9.80 -14.20 3.32
CA GLU A 149 8.93 -13.86 4.44
C GLU A 149 8.08 -12.61 4.18
N ALA A 150 8.63 -11.65 3.44
CA ALA A 150 7.89 -10.43 3.13
C ALA A 150 6.74 -10.82 2.22
N ALA A 151 7.01 -11.70 1.28
CA ALA A 151 6.01 -12.17 0.33
C ALA A 151 4.94 -12.97 1.08
N GLU A 152 5.36 -13.78 2.05
CA GLU A 152 4.41 -14.57 2.83
C GLU A 152 3.47 -13.68 3.63
N SER A 153 4.02 -12.72 4.37
CA SER A 153 3.20 -11.80 5.16
C SER A 153 2.22 -11.02 4.29
N THR A 154 2.66 -10.68 3.07
CA THR A 154 1.82 -9.95 2.13
C THR A 154 0.60 -10.78 1.74
N LEU A 155 0.84 -12.03 1.36
CA LEU A 155 -0.22 -12.95 0.96
C LEU A 155 -1.20 -13.21 2.10
N THR A 156 -0.67 -13.39 3.31
CA THR A 156 -1.52 -13.63 4.46
C THR A 156 -2.43 -12.43 4.73
N ALA A 157 -1.87 -11.23 4.67
CA ALA A 157 -2.63 -10.01 4.92
C ALA A 157 -3.72 -9.79 3.87
N TYR A 158 -3.37 -9.95 2.60
CA TYR A 158 -4.34 -9.77 1.53
C TYR A 158 -5.46 -10.80 1.58
N LYS A 159 -5.11 -12.07 1.80
CA LYS A 159 -6.13 -13.12 1.88
C LYS A 159 -7.13 -12.77 2.98
N ALA A 160 -6.61 -12.38 4.14
CA ALA A 160 -7.47 -12.01 5.26
C ALA A 160 -8.35 -10.84 4.88
N ALA A 161 -7.75 -9.85 4.23
CA ALA A 161 -8.47 -8.65 3.80
C ALA A 161 -9.54 -9.02 2.79
N GLN A 162 -9.22 -9.94 1.89
CA GLN A 162 -10.19 -10.32 0.90
C GLN A 162 -11.36 -11.13 1.45
N ASP A 163 -11.10 -11.97 2.45
CA ASP A 163 -12.17 -12.78 3.04
C ASP A 163 -13.23 -11.86 3.63
N ILE A 164 -12.78 -10.79 4.27
CA ILE A 164 -13.70 -9.83 4.87
C ILE A 164 -14.38 -8.99 3.80
N ALA A 165 -13.60 -8.48 2.85
CA ALA A 165 -14.13 -7.64 1.78
C ALA A 165 -15.15 -8.37 0.91
N THR A 166 -14.79 -9.58 0.49
CA THR A 166 -15.65 -10.40 -0.36
C THR A 166 -17.04 -10.67 0.23
N THR A 167 -17.12 -10.72 1.56
CA THR A 167 -18.37 -11.01 2.21
C THR A 167 -19.08 -9.82 2.86
N GLU A 168 -18.33 -8.79 3.26
CA GLU A 168 -18.95 -7.66 3.94
C GLU A 168 -19.12 -6.35 3.18
N LEU A 169 -18.33 -6.12 2.13
CA LEU A 169 -18.40 -4.88 1.35
C LEU A 169 -18.92 -5.11 -0.07
N ALA A 170 -19.50 -4.07 -0.66
CA ALA A 170 -20.02 -4.14 -2.02
C ALA A 170 -18.87 -4.33 -3.02
N PRO A 171 -19.14 -5.00 -4.15
CA PRO A 171 -18.13 -5.25 -5.19
C PRO A 171 -17.58 -3.95 -5.78
N THR A 172 -18.37 -2.89 -5.67
CA THR A 172 -17.97 -1.59 -6.20
C THR A 172 -17.32 -0.69 -5.16
N HIS A 173 -17.18 -1.19 -3.94
CA HIS A 173 -16.56 -0.44 -2.85
C HIS A 173 -15.10 -0.14 -3.23
N PRO A 174 -14.69 1.13 -3.17
CA PRO A 174 -13.31 1.50 -3.51
C PRO A 174 -12.21 0.78 -2.72
N ILE A 175 -12.42 0.53 -1.43
CA ILE A 175 -11.39 -0.17 -0.66
C ILE A 175 -11.28 -1.61 -1.17
N ARG A 176 -12.43 -2.24 -1.45
CA ARG A 176 -12.42 -3.61 -1.95
C ARG A 176 -11.76 -3.67 -3.34
N LEU A 177 -12.09 -2.70 -4.18
CA LEU A 177 -11.52 -2.65 -5.52
C LEU A 177 -10.01 -2.35 -5.45
N GLY A 178 -9.61 -1.48 -4.54
CA GLY A 178 -8.19 -1.17 -4.39
C GLY A 178 -7.43 -2.41 -3.92
N LEU A 179 -8.06 -3.16 -3.02
CA LEU A 179 -7.45 -4.38 -2.51
C LEU A 179 -7.26 -5.34 -3.67
N ALA A 180 -8.22 -5.39 -4.58
CA ALA A 180 -8.11 -6.29 -5.72
C ALA A 180 -6.96 -5.84 -6.62
N LEU A 181 -6.89 -4.54 -6.87
CA LEU A 181 -5.83 -4.01 -7.70
C LEU A 181 -4.46 -4.38 -7.11
N ASN A 182 -4.24 -4.01 -5.85
CA ASN A 182 -2.97 -4.27 -5.18
C ASN A 182 -2.67 -5.74 -5.05
N PHE A 183 -3.70 -6.53 -4.72
CA PHE A 183 -3.53 -7.97 -4.56
C PHE A 183 -3.10 -8.57 -5.88
N SER A 184 -3.74 -8.16 -6.97
CA SER A 184 -3.38 -8.69 -8.29
C SER A 184 -2.02 -8.17 -8.75
N VAL A 185 -1.68 -6.93 -8.37
CA VAL A 185 -0.37 -6.38 -8.72
C VAL A 185 0.69 -7.19 -7.99
N PHE A 186 0.33 -7.69 -6.82
CA PHE A 186 1.24 -8.49 -6.02
C PHE A 186 1.56 -9.81 -6.70
N TYR A 187 0.53 -10.48 -7.23
CA TYR A 187 0.76 -11.73 -7.90
C TYR A 187 1.66 -11.54 -9.11
N TYR A 188 1.43 -10.48 -9.85
CA TYR A 188 2.19 -10.18 -11.07
C TYR A 188 3.62 -9.70 -10.87
N GLU A 189 3.80 -8.70 -10.01
CA GLU A 189 5.13 -8.13 -9.78
C GLU A 189 6.01 -8.90 -8.81
N ILE A 190 5.43 -9.35 -7.70
CA ILE A 190 6.20 -10.07 -6.70
C ILE A 190 6.28 -11.58 -6.93
N LEU A 191 5.14 -12.21 -7.14
CA LEU A 191 5.09 -13.65 -7.34
C LEU A 191 5.26 -14.03 -8.80
N ASN A 192 5.53 -13.05 -9.64
CA ASN A 192 5.71 -13.28 -11.07
C ASN A 192 4.75 -14.34 -11.61
N SER A 193 3.48 -14.19 -11.25
CA SER A 193 2.43 -15.10 -11.66
C SER A 193 1.30 -14.32 -12.32
N PRO A 194 1.47 -13.95 -13.60
CA PRO A 194 0.44 -13.19 -14.32
C PRO A 194 -0.87 -13.96 -14.47
N ASP A 195 -0.82 -15.26 -14.22
CA ASP A 195 -2.00 -16.09 -14.33
C ASP A 195 -2.95 -15.77 -13.19
N ARG A 196 -2.47 -15.97 -11.96
CA ARG A 196 -3.28 -15.71 -10.78
C ARG A 196 -3.67 -14.24 -10.69
N ALA A 197 -2.82 -13.37 -11.22
CA ALA A 197 -3.08 -11.93 -11.20
C ALA A 197 -4.29 -11.53 -12.03
N CYS A 198 -4.35 -12.03 -13.27
CA CYS A 198 -5.45 -11.71 -14.17
C CYS A 198 -6.77 -12.30 -13.69
N ASN A 199 -6.74 -13.53 -13.17
CA ASN A 199 -7.95 -14.17 -12.69
C ASN A 199 -8.58 -13.34 -11.57
N LEU A 200 -7.76 -12.91 -10.63
CA LEU A 200 -8.23 -12.10 -9.51
C LEU A 200 -8.75 -10.75 -9.96
N ALA A 201 -7.99 -10.04 -10.80
CA ALA A 201 -8.40 -8.73 -11.27
C ALA A 201 -9.68 -8.80 -12.10
N LYS A 202 -9.77 -9.80 -12.95
CA LYS A 202 -10.95 -9.98 -13.80
C LYS A 202 -12.17 -10.23 -12.94
N GLN A 203 -12.05 -11.13 -11.97
CA GLN A 203 -13.19 -11.43 -11.11
C GLN A 203 -13.71 -10.21 -10.35
N ALA A 204 -12.82 -9.37 -9.86
CA ALA A 204 -13.21 -8.18 -9.11
C ALA A 204 -13.89 -7.20 -10.05
N PHE A 205 -13.32 -7.06 -11.25
CA PHE A 205 -13.86 -6.14 -12.25
C PHE A 205 -15.26 -6.60 -12.65
N ASP A 206 -15.42 -7.89 -12.93
CA ASP A 206 -16.71 -8.44 -13.33
C ASP A 206 -17.79 -8.27 -12.27
N GLU A 207 -17.45 -8.56 -11.03
CA GLU A 207 -18.41 -8.43 -9.94
C GLU A 207 -18.86 -6.97 -9.82
N ALA A 208 -17.92 -6.04 -9.98
CA ALA A 208 -18.23 -4.61 -9.88
C ALA A 208 -19.18 -4.18 -11.00
N ILE A 209 -18.90 -4.62 -12.21
CA ILE A 209 -19.72 -4.28 -13.35
C ILE A 209 -21.12 -4.89 -13.21
N ALA A 210 -21.18 -6.13 -12.72
CA ALA A 210 -22.46 -6.80 -12.53
C ALA A 210 -23.32 -5.96 -11.58
N GLU A 211 -22.74 -5.59 -10.45
CA GLU A 211 -23.42 -4.78 -9.45
C GLU A 211 -23.83 -3.43 -10.03
N LEU A 212 -22.92 -2.82 -10.77
CA LEU A 212 -23.16 -1.52 -11.39
C LEU A 212 -24.32 -1.60 -12.37
N ASP A 213 -24.43 -2.73 -13.03
CA ASP A 213 -25.45 -2.98 -14.03
C ASP A 213 -26.84 -3.33 -13.47
N THR A 214 -26.89 -3.85 -12.24
CA THR A 214 -28.17 -4.22 -11.66
C THR A 214 -28.69 -3.26 -10.60
N LEU A 215 -27.87 -2.92 -9.60
CA LEU A 215 -28.33 -1.99 -8.58
C LEU A 215 -27.41 -0.81 -8.28
N GLY A 216 -26.65 -0.37 -9.27
CA GLY A 216 -25.75 0.75 -9.10
C GLY A 216 -25.02 0.82 -7.76
N LYS A 221 -16.17 8.47 -8.21
CA LYS A 221 -14.95 8.62 -9.05
C LYS A 221 -13.90 7.58 -8.67
N ASP A 222 -13.77 7.33 -7.37
CA ASP A 222 -12.80 6.35 -6.88
C ASP A 222 -12.97 4.98 -7.54
N SER A 223 -14.20 4.47 -7.52
CA SER A 223 -14.49 3.18 -8.12
C SER A 223 -14.25 3.16 -9.63
N THR A 224 -14.53 4.29 -10.28
CA THR A 224 -14.33 4.40 -11.71
C THR A 224 -12.85 4.31 -12.06
N LEU A 225 -12.02 5.09 -11.36
CA LEU A 225 -10.58 5.07 -11.61
C LEU A 225 -10.01 3.68 -11.34
N ILE A 226 -10.23 3.18 -10.13
CA ILE A 226 -9.73 1.86 -9.75
C ILE A 226 -10.11 0.85 -10.82
N MET A 227 -11.37 0.85 -11.23
CA MET A 227 -11.81 -0.09 -12.24
C MET A 227 -11.11 0.09 -13.58
N GLN A 228 -10.75 1.32 -13.91
CA GLN A 228 -10.06 1.56 -15.17
C GLN A 228 -8.66 0.96 -15.00
N LEU A 229 -8.05 1.22 -13.84
CA LEU A 229 -6.73 0.68 -13.55
C LEU A 229 -6.76 -0.83 -13.68
N LEU A 230 -7.75 -1.46 -13.07
CA LEU A 230 -7.88 -2.91 -13.17
C LEU A 230 -7.92 -3.31 -14.63
N ARG A 231 -8.68 -2.56 -15.43
CA ARG A 231 -8.80 -2.83 -16.86
C ARG A 231 -7.46 -2.66 -17.56
N ASP A 232 -6.81 -1.52 -17.35
CA ASP A 232 -5.52 -1.27 -17.98
C ASP A 232 -4.55 -2.39 -17.65
N ASN A 233 -4.39 -2.70 -16.37
CA ASN A 233 -3.48 -3.76 -15.97
C ASN A 233 -3.90 -5.10 -16.55
N LEU A 234 -5.21 -5.33 -16.64
CA LEU A 234 -5.70 -6.59 -17.19
C LEU A 234 -5.21 -6.84 -18.61
N THR A 235 -5.38 -5.84 -19.48
CA THR A 235 -4.96 -5.97 -20.87
C THR A 235 -3.44 -5.95 -20.96
N LEU A 236 -2.83 -5.01 -20.24
CA LEU A 236 -1.38 -4.88 -20.20
C LEU A 236 -0.69 -6.19 -19.84
N TRP A 237 -1.38 -7.03 -19.06
CA TRP A 237 -0.83 -8.32 -18.65
C TRP A 237 -1.15 -9.42 -19.65
N THR A 238 -1.85 -9.07 -20.72
CA THR A 238 -2.20 -10.04 -21.75
C THR A 238 -1.30 -9.80 -22.97
N SER A 239 -0.03 -10.18 -22.80
CA SER A 239 0.99 -10.04 -23.84
C SER A 239 1.86 -11.30 -23.90
N ASP A 240 2.82 -11.30 -24.72
CAC FLC B . 1.26 -0.59 -7.62
CA FLC B . -0.09 -0.31 -6.87
CB FLC B . -0.29 1.10 -6.05
CBC FLC B . 0.70 1.14 -4.79
CG FLC B . -1.88 1.32 -5.67
CGC FLC B . -2.28 2.37 -4.54
OA1 FLC B . 1.33 -0.74 -8.82
OA2 FLC B . 2.25 -0.67 -6.91
OB1 FLC B . 0.69 0.23 -3.96
OB2 FLC B . 1.44 2.12 -4.71
OG1 FLC B . -2.02 3.56 -4.70
OG2 FLC B . -2.82 1.92 -3.52
OHB FLC B . 0.03 2.21 -6.87
CL CL C . 5.91 5.43 -6.76
#